data_4A2B
#
_entry.id   4A2B
#
_cell.length_a   48.004
_cell.length_b   64.594
_cell.length_c   73.001
_cell.angle_alpha   90.00
_cell.angle_beta   102.93
_cell.angle_gamma   90.00
#
_symmetry.space_group_name_H-M   'P 1 21 1'
#
loop_
_entity.id
_entity.type
_entity.pdbx_description
1 polymer 'CELL DIVISION PROTEIN FTSA, PUTATIVE'
2 non-polymer 'PHOSPHOTHIOPHOSPHORIC ACID-ADENYLATE ESTER'
3 non-polymer 'MAGNESIUM ION'
4 water water
#
_entity_poly.entity_id   1
_entity_poly.type   'polypeptide(L)'
_entity_poly.pdbx_seq_one_letter_code
;MIDLSKTVFYTSIDIGSRYIKGLVLGKRDQEWEALAFSSVKSRGLDEGEIKDAIAFKESVNTLLKELEEQLQKSLRSDFV
ISFSSVSFEREDTVIERDFGEEKRSITLDILSEMQSEALEKLKENGKTPLHIFSKRYLLDDERIVFNPLDMKASKIAIEY
TSIVVPLKVYEMFYNFLQDTVKSPFQLKSSLVSTAEGVLTTPEKDRGVVVVNLGYNFTGLIAYKNGVPIKISYVPVGMKH
VIKDVSAVLDTSFEESERLIITHGNAVYNDLKEEEIQYRGLDGNTIKTTTAKKLSVIIHARLREIMSKSKKFFREVEAKI
VEEGEIGIPGGVVLTGGGAKIPRINELATEVFKSPVRTGCYANSDRPSIINADEVANDPSFAAAFGNVFAVSENPYEETP
VKSENPLKKIFRLFKELME
;
_entity_poly.pdbx_strand_id   A
#
loop_
_chem_comp.id
_chem_comp.type
_chem_comp.name
_chem_comp.formula
AGS non-polymer 'PHOSPHOTHIOPHOSPHORIC ACID-ADENYLATE ESTER' 'C10 H16 N5 O12 P3 S'
MG non-polymer 'MAGNESIUM ION' 'Mg 2'
#
# COMPACT_ATOMS: atom_id res chain seq x y z
N THR A 7 0.40 -5.62 -27.56
CA THR A 7 0.28 -4.55 -26.52
C THR A 7 -0.90 -4.79 -25.58
N VAL A 8 -0.62 -4.76 -24.27
CA VAL A 8 -1.65 -4.85 -23.26
C VAL A 8 -1.68 -3.48 -22.53
N PHE A 9 -2.87 -3.02 -22.18
CA PHE A 9 -3.05 -1.78 -21.41
C PHE A 9 -3.64 -2.11 -20.06
N TYR A 10 -3.11 -1.44 -19.05
CA TYR A 10 -3.63 -1.51 -17.70
C TYR A 10 -4.02 -0.13 -17.17
N THR A 11 -5.14 -0.06 -16.46
CA THR A 11 -5.51 1.11 -15.68
C THR A 11 -5.41 0.63 -14.24
N SER A 12 -4.59 1.36 -13.50
CA SER A 12 -4.37 1.01 -12.09
C SER A 12 -4.98 2.11 -11.30
N ILE A 13 -5.80 1.78 -10.30
CA ILE A 13 -6.39 2.84 -9.49
C ILE A 13 -6.05 2.49 -8.02
N ASP A 14 -5.66 3.49 -7.23
CA ASP A 14 -5.42 3.30 -5.79
C ASP A 14 -6.35 4.21 -5.09
N ILE A 15 -7.28 3.59 -4.41
CA ILE A 15 -8.40 4.31 -3.81
C ILE A 15 -7.99 4.68 -2.38
N GLY A 16 -7.61 5.93 -2.16
CA GLY A 16 -7.34 6.34 -0.78
C GLY A 16 -8.57 7.05 -0.24
N SER A 17 -8.59 7.23 1.09
CA SER A 17 -9.71 7.93 1.72
C SER A 17 -9.59 9.41 1.60
N ARG A 18 -8.38 9.91 1.22
CA ARG A 18 -8.28 11.35 0.88
C ARG A 18 -8.06 11.67 -0.61
N TYR A 19 -7.22 10.89 -1.28
CA TYR A 19 -7.06 11.06 -2.71
C TYR A 19 -7.25 9.75 -3.41
N ILE A 20 -7.76 9.78 -4.62
CA ILE A 20 -7.77 8.54 -5.52
C ILE A 20 -6.78 8.80 -6.61
N LYS A 21 -5.86 7.86 -6.88
CA LYS A 21 -4.79 8.08 -7.77
C LYS A 21 -5.01 7.09 -8.94
N GLY A 22 -4.63 7.50 -10.13
CA GLY A 22 -4.82 6.56 -11.28
C GLY A 22 -3.69 6.65 -12.26
N LEU A 23 -3.43 5.54 -12.94
CA LEU A 23 -2.27 5.48 -13.84
C LEU A 23 -2.71 4.53 -14.97
N VAL A 24 -2.48 4.94 -16.19
CA VAL A 24 -2.73 4.01 -17.34
C VAL A 24 -1.43 3.63 -17.95
N LEU A 25 -1.13 2.33 -18.02
CA LEU A 25 0.13 1.92 -18.59
C LEU A 25 -0.08 1.00 -19.78
N GLY A 26 0.91 1.04 -20.65
CA GLY A 26 0.99 0.09 -21.78
C GLY A 26 2.25 -0.71 -21.66
N LYS A 27 2.10 -2.03 -21.91
CA LYS A 27 3.19 -2.98 -21.99
C LYS A 27 3.26 -3.68 -23.42
N ARG A 28 4.47 -3.87 -23.92
CA ARG A 28 4.65 -4.55 -25.20
C ARG A 28 5.44 -5.86 -25.00
N ASP A 29 6.76 -5.77 -25.14
CA ASP A 29 7.60 -6.93 -24.87
C ASP A 29 8.05 -6.81 -23.42
N GLN A 30 9.29 -6.39 -23.22
CA GLN A 30 9.78 -6.11 -21.87
C GLN A 30 9.46 -4.63 -21.53
N GLU A 31 8.88 -3.90 -22.49
CA GLU A 31 8.78 -2.44 -22.46
C GLU A 31 7.44 -1.86 -21.94
N TRP A 32 7.51 -0.87 -21.06
CA TRP A 32 6.33 -0.26 -20.41
C TRP A 32 6.35 1.23 -20.67
N GLU A 33 5.20 1.83 -20.87
CA GLU A 33 5.12 3.27 -21.02
C GLU A 33 3.95 3.83 -20.21
N ALA A 34 4.10 5.04 -19.62
CA ALA A 34 2.96 5.62 -18.97
C ALA A 34 2.18 6.51 -19.88
N LEU A 35 0.87 6.30 -19.99
CA LEU A 35 0.06 7.06 -20.92
C LEU A 35 -0.78 8.13 -20.28
N ALA A 36 -1.12 8.00 -19.00
CA ALA A 36 -1.93 9.00 -18.29
C ALA A 36 -1.77 8.78 -16.80
N PHE A 37 -1.95 9.84 -16.05
CA PHE A 37 -1.91 9.75 -14.58
C PHE A 37 -2.55 10.95 -13.97
N SER A 38 -3.22 10.75 -12.84
CA SER A 38 -3.94 11.84 -12.18
C SER A 38 -4.23 11.49 -10.75
N SER A 39 -4.60 12.51 -10.01
CA SER A 39 -5.08 12.29 -8.62
C SER A 39 -6.28 13.23 -8.42
N VAL A 40 -7.37 12.72 -7.83
CA VAL A 40 -8.54 13.51 -7.51
C VAL A 40 -8.86 13.42 -6.05
N LYS A 41 -9.62 14.36 -5.52
CA LYS A 41 -10.19 14.17 -4.21
C LYS A 41 -11.09 12.96 -4.07
N SER A 42 -10.89 12.22 -3.00
CA SER A 42 -11.69 11.06 -2.68
C SER A 42 -12.95 11.54 -1.93
N ARG A 43 -14.13 10.97 -2.26
CA ARG A 43 -15.41 11.29 -1.50
C ARG A 43 -16.09 9.99 -1.19
N GLY A 44 -16.73 9.92 -0.01
CA GLY A 44 -17.56 8.71 0.32
C GLY A 44 -16.86 7.55 1.02
N LEU A 45 -15.52 7.64 1.19
CA LEU A 45 -14.79 6.63 1.97
C LEU A 45 -14.42 7.20 3.30
N ASP A 46 -14.37 6.35 4.30
CA ASP A 46 -13.94 6.78 5.61
C ASP A 46 -13.67 5.49 6.36
N GLU A 47 -12.65 5.53 7.20
CA GLU A 47 -12.37 4.41 8.11
C GLU A 47 -12.41 3.05 7.39
N GLY A 48 -11.92 3.02 6.14
CA GLY A 48 -11.83 1.77 5.35
C GLY A 48 -13.13 1.23 4.76
N GLU A 49 -14.13 2.10 4.71
CA GLU A 49 -15.48 1.68 4.33
C GLU A 49 -16.07 2.64 3.37
N ILE A 50 -16.95 2.15 2.51
CA ILE A 50 -17.71 3.06 1.66
C ILE A 50 -18.91 3.52 2.52
N LYS A 51 -19.08 4.82 2.67
CA LYS A 51 -20.03 5.38 3.60
C LYS A 51 -20.99 6.16 2.79
N ASP A 52 -20.64 6.36 1.52
CA ASP A 52 -21.53 7.02 0.60
C ASP A 52 -21.17 6.57 -0.81
N ALA A 53 -21.87 5.53 -1.27
CA ALA A 53 -21.56 4.87 -2.54
C ALA A 53 -21.76 5.78 -3.68
N ILE A 54 -22.69 6.74 -3.58
CA ILE A 54 -22.95 7.62 -4.70
C ILE A 54 -21.78 8.64 -4.82
N ALA A 55 -21.32 9.12 -3.67
CA ALA A 55 -20.19 10.07 -3.63
C ALA A 55 -18.89 9.33 -4.08
N PHE A 56 -18.59 8.16 -3.52
CA PHE A 56 -17.54 7.25 -4.05
C PHE A 56 -17.56 7.09 -5.59
N LYS A 57 -18.68 6.60 -6.16
CA LYS A 57 -18.81 6.50 -7.62
C LYS A 57 -18.46 7.75 -8.36
N GLU A 58 -18.91 8.89 -7.88
CA GLU A 58 -18.67 10.11 -8.63
C GLU A 58 -17.15 10.50 -8.59
N SER A 59 -16.49 10.19 -7.47
CA SER A 59 -15.06 10.55 -7.30
C SER A 59 -14.32 9.71 -8.23
N VAL A 60 -14.63 8.42 -8.27
CA VAL A 60 -14.02 7.50 -9.27
C VAL A 60 -14.22 7.92 -10.68
N ASN A 61 -15.46 8.29 -11.00
CA ASN A 61 -15.77 8.82 -12.33
C ASN A 61 -15.00 10.05 -12.74
N THR A 62 -14.79 10.94 -11.77
CA THR A 62 -14.05 12.17 -11.98
C THR A 62 -12.58 11.80 -12.43
N LEU A 63 -11.99 10.84 -11.74
CA LEU A 63 -10.61 10.34 -12.11
C LEU A 63 -10.62 9.71 -13.55
N LEU A 64 -11.59 8.83 -13.82
CA LEU A 64 -11.64 8.19 -15.15
C LEU A 64 -11.75 9.21 -16.27
N LYS A 65 -12.57 10.22 -16.07
CA LYS A 65 -12.68 11.38 -17.01
C LYS A 65 -11.35 12.15 -17.21
N GLU A 66 -10.61 12.46 -16.13
CA GLU A 66 -9.27 12.99 -16.34
C GLU A 66 -8.33 12.11 -17.12
N LEU A 67 -8.35 10.82 -16.84
CA LEU A 67 -7.45 9.89 -17.50
C LEU A 67 -7.81 9.85 -18.96
N GLU A 68 -9.10 9.78 -19.25
CA GLU A 68 -9.49 9.71 -20.69
C GLU A 68 -9.15 10.99 -21.46
N GLU A 69 -9.31 12.19 -20.87
CA GLU A 69 -8.88 13.44 -21.52
C GLU A 69 -7.40 13.46 -21.81
N GLN A 70 -6.58 12.78 -20.97
CA GLN A 70 -5.14 12.68 -21.25
C GLN A 70 -4.81 11.75 -22.36
N LEU A 71 -5.57 10.69 -22.52
CA LEU A 71 -5.28 9.70 -23.53
C LEU A 71 -5.71 10.27 -24.88
N GLN A 72 -6.84 10.97 -24.86
CA GLN A 72 -7.56 11.41 -26.07
C GLN A 72 -8.06 10.23 -26.93
N LYS A 73 -8.11 9.02 -26.37
CA LYS A 73 -8.41 7.79 -27.13
C LYS A 73 -9.23 6.92 -26.21
N SER A 74 -10.14 6.13 -26.74
CA SER A 74 -10.96 5.34 -25.81
C SER A 74 -10.44 3.95 -25.89
N LEU A 75 -9.27 3.78 -25.29
CA LEU A 75 -8.58 2.50 -25.16
C LEU A 75 -9.28 1.52 -24.24
N ARG A 76 -9.29 0.23 -24.60
CA ARG A 76 -9.74 -0.78 -23.64
C ARG A 76 -8.55 -1.15 -22.73
N SER A 77 -8.78 -1.21 -21.43
CA SER A 77 -7.72 -1.82 -20.59
C SER A 77 -8.34 -2.68 -19.52
N ASP A 78 -7.50 -3.49 -18.91
CA ASP A 78 -7.90 -4.21 -17.72
C ASP A 78 -7.49 -3.40 -16.49
N PHE A 79 -8.31 -3.46 -15.48
CA PHE A 79 -8.14 -2.63 -14.27
C PHE A 79 -7.53 -3.43 -13.17
N VAL A 80 -6.74 -2.76 -12.35
CA VAL A 80 -6.30 -3.35 -11.05
C VAL A 80 -6.54 -2.24 -10.02
N ILE A 81 -7.24 -2.53 -8.94
CA ILE A 81 -7.66 -1.45 -8.10
C ILE A 81 -7.29 -1.83 -6.66
N SER A 82 -6.67 -0.91 -5.91
CA SER A 82 -6.23 -1.21 -4.52
C SER A 82 -6.89 -0.29 -3.56
N PHE A 83 -7.06 -0.70 -2.30
CA PHE A 83 -7.63 0.17 -1.32
C PHE A 83 -6.97 -0.06 0.04
N SER A 84 -7.09 0.86 0.99
CA SER A 84 -6.48 0.61 2.32
C SER A 84 -7.60 0.35 3.33
N SER A 85 -7.25 -0.41 4.35
CA SER A 85 -8.12 -0.83 5.41
C SER A 85 -7.31 -1.30 6.58
N VAL A 86 -7.76 -0.97 7.79
CA VAL A 86 -7.18 -1.48 9.00
C VAL A 86 -7.60 -3.02 9.12
N SER A 87 -8.48 -3.51 8.29
CA SER A 87 -8.89 -4.93 8.53
C SER A 87 -8.09 -5.94 7.69
N PHE A 88 -7.06 -5.49 6.98
CA PHE A 88 -6.14 -6.47 6.33
C PHE A 88 -5.45 -7.35 7.35
N GLU A 89 -5.36 -8.66 7.06
CA GLU A 89 -4.65 -9.55 7.98
C GLU A 89 -3.91 -10.57 7.20
N ARG A 90 -2.90 -11.15 7.80
CA ARG A 90 -2.18 -12.22 7.17
C ARG A 90 -2.80 -13.53 7.72
N GLU A 91 -3.07 -14.49 6.83
CA GLU A 91 -3.69 -15.83 7.17
C GLU A 91 -2.85 -16.89 6.51
N ASP A 92 -2.66 -18.05 7.18
CA ASP A 92 -1.84 -19.13 6.66
C ASP A 92 -2.82 -20.32 6.50
N THR A 93 -2.66 -21.09 5.45
CA THR A 93 -3.59 -22.16 5.12
C THR A 93 -2.72 -23.31 4.60
N VAL A 94 -2.99 -24.57 4.99
CA VAL A 94 -2.23 -25.71 4.37
C VAL A 94 -3.25 -26.55 3.65
N ILE A 95 -2.90 -26.92 2.44
CA ILE A 95 -3.72 -27.74 1.52
C ILE A 95 -2.85 -28.98 1.17
N GLU A 96 -3.41 -30.19 1.28
CA GLU A 96 -2.58 -31.40 1.13
C GLU A 96 -3.33 -32.32 0.21
N ARG A 97 -2.59 -32.89 -0.75
CA ARG A 97 -3.09 -33.91 -1.63
C ARG A 97 -2.21 -35.13 -1.50
N ASP A 98 -2.87 -36.23 -1.17
CA ASP A 98 -2.23 -37.54 -1.07
C ASP A 98 -2.76 -38.48 -2.17
N PHE A 99 -1.84 -38.88 -3.06
CA PHE A 99 -2.14 -39.76 -4.18
C PHE A 99 -1.89 -41.27 -3.84
N GLY A 100 -1.56 -41.55 -2.58
CA GLY A 100 -1.40 -42.91 -2.11
C GLY A 100 -0.05 -43.52 -2.48
N GLU A 101 -0.10 -44.58 -3.29
CA GLU A 101 1.08 -45.41 -3.56
C GLU A 101 1.94 -44.92 -4.72
N GLU A 102 1.29 -44.52 -5.79
CA GLU A 102 1.95 -44.09 -7.03
C GLU A 102 2.59 -42.71 -6.90
N LYS A 103 3.57 -42.40 -7.74
CA LYS A 103 4.10 -41.05 -7.91
C LYS A 103 3.29 -40.49 -9.05
N ARG A 104 3.01 -39.18 -9.07
CA ARG A 104 2.41 -38.51 -10.24
C ARG A 104 3.05 -37.16 -10.51
N SER A 105 2.95 -36.67 -11.76
CA SER A 105 3.42 -35.34 -12.12
C SER A 105 2.54 -34.29 -11.51
N ILE A 106 3.18 -33.32 -10.87
CA ILE A 106 2.44 -32.12 -10.42
C ILE A 106 2.22 -31.20 -11.62
N THR A 107 0.95 -30.88 -11.88
CA THR A 107 0.52 -30.10 -13.06
C THR A 107 -0.04 -28.78 -12.63
N LEU A 108 -0.19 -27.92 -13.62
CA LEU A 108 -0.91 -26.66 -13.45
C LEU A 108 -2.33 -26.89 -12.96
N ASP A 109 -2.95 -28.01 -13.38
CA ASP A 109 -4.31 -28.40 -12.89
C ASP A 109 -4.27 -28.67 -11.39
N ILE A 110 -3.37 -29.53 -10.93
CA ILE A 110 -3.27 -29.85 -9.50
C ILE A 110 -3.02 -28.55 -8.65
N LEU A 111 -2.06 -27.72 -9.08
CA LEU A 111 -1.79 -26.47 -8.34
C LEU A 111 -2.99 -25.52 -8.34
N SER A 112 -3.67 -25.41 -9.46
CA SER A 112 -4.83 -24.50 -9.57
C SER A 112 -5.95 -24.95 -8.60
N GLU A 113 -6.16 -26.26 -8.51
CA GLU A 113 -7.15 -26.89 -7.62
C GLU A 113 -6.79 -26.80 -6.15
N MET A 114 -5.50 -26.95 -5.84
CA MET A 114 -5.15 -26.80 -4.43
C MET A 114 -5.37 -25.34 -4.01
N GLN A 115 -5.06 -24.43 -4.91
CA GLN A 115 -5.17 -22.99 -4.53
C GLN A 115 -6.67 -22.61 -4.40
N SER A 116 -7.52 -23.19 -5.26
CA SER A 116 -8.99 -23.02 -5.09
C SER A 116 -9.47 -23.50 -3.78
N GLU A 117 -8.88 -24.57 -3.30
CA GLU A 117 -9.26 -25.09 -2.05
C GLU A 117 -8.86 -24.16 -0.94
N ALA A 118 -7.70 -23.51 -1.05
CA ALA A 118 -7.29 -22.67 0.08
C ALA A 118 -8.25 -21.47 0.08
N LEU A 119 -8.63 -20.99 -1.10
CA LEU A 119 -9.63 -19.92 -1.23
C LEU A 119 -10.94 -20.26 -0.49
N GLU A 120 -11.36 -21.53 -0.55
CA GLU A 120 -12.67 -21.88 0.00
C GLU A 120 -12.58 -21.99 1.50
N LYS A 121 -11.47 -22.52 1.98
CA LYS A 121 -11.17 -22.57 3.38
C LYS A 121 -11.12 -21.20 4.06
N LEU A 122 -10.50 -20.22 3.39
CA LEU A 122 -10.56 -18.81 3.92
C LEU A 122 -12.03 -18.29 3.82
N LYS A 123 -12.69 -18.51 2.70
CA LYS A 123 -14.12 -18.07 2.58
C LYS A 123 -15.02 -18.66 3.70
N GLU A 124 -14.88 -19.96 3.94
CA GLU A 124 -15.62 -20.62 5.02
C GLU A 124 -15.38 -19.93 6.36
N ASN A 125 -14.20 -19.34 6.52
CA ASN A 125 -13.87 -18.59 7.74
C ASN A 125 -14.22 -17.08 7.57
N GLY A 126 -15.06 -16.73 6.59
CA GLY A 126 -15.52 -15.32 6.39
C GLY A 126 -14.42 -14.31 5.93
N LYS A 127 -13.46 -14.79 5.15
CA LYS A 127 -12.29 -14.01 4.72
C LYS A 127 -12.01 -14.20 3.25
N THR A 128 -11.58 -13.13 2.55
CA THR A 128 -11.24 -13.26 1.10
C THR A 128 -9.80 -12.79 0.89
N PRO A 129 -8.96 -13.58 0.14
CA PRO A 129 -7.61 -13.15 -0.06
C PRO A 129 -7.55 -12.17 -1.23
N LEU A 130 -6.80 -11.11 -1.04
CA LEU A 130 -6.46 -10.22 -2.16
C LEU A 130 -5.12 -10.62 -2.78
N HIS A 131 -4.27 -11.29 -1.98
CA HIS A 131 -3.03 -11.82 -2.42
C HIS A 131 -2.85 -13.16 -1.78
N ILE A 132 -2.36 -14.09 -2.57
CA ILE A 132 -2.11 -15.42 -2.05
C ILE A 132 -0.81 -15.87 -2.67
N PHE A 133 0.08 -16.36 -1.84
CA PHE A 133 1.24 -17.02 -2.47
C PHE A 133 1.74 -18.15 -1.63
N SER A 134 2.59 -18.99 -2.23
CA SER A 134 3.01 -20.11 -1.46
C SER A 134 4.15 -19.76 -0.56
N LYS A 135 4.01 -20.09 0.72
CA LYS A 135 5.04 -20.03 1.76
C LYS A 135 5.97 -21.29 1.77
N ARG A 136 5.44 -22.46 1.44
CA ARG A 136 6.32 -23.66 1.28
C ARG A 136 5.61 -24.75 0.47
N TYR A 137 6.32 -25.45 -0.40
CA TYR A 137 5.88 -26.69 -1.03
C TYR A 137 6.65 -27.85 -0.46
N LEU A 138 5.92 -28.85 0.03
CA LEU A 138 6.53 -30.00 0.64
C LEU A 138 6.13 -31.26 -0.12
N LEU A 139 7.08 -31.98 -0.72
CA LEU A 139 6.75 -33.19 -1.49
C LEU A 139 7.16 -34.45 -0.72
N ASP A 140 6.25 -35.41 -0.70
CA ASP A 140 6.37 -36.68 0.05
C ASP A 140 6.79 -36.51 1.48
N ASP A 141 6.16 -35.58 2.19
CA ASP A 141 6.54 -35.28 3.58
C ASP A 141 8.05 -35.10 3.78
N GLU A 142 8.86 -35.01 2.73
CA GLU A 142 10.30 -34.97 2.99
C GLU A 142 11.12 -33.91 2.26
N ARG A 143 10.69 -33.40 1.12
CA ARG A 143 11.54 -32.39 0.51
C ARG A 143 10.85 -31.08 0.17
N ILE A 144 11.51 -29.98 0.54
CA ILE A 144 10.98 -28.65 0.28
C ILE A 144 11.43 -28.17 -1.11
N VAL A 145 10.48 -27.70 -1.90
CA VAL A 145 10.83 -27.18 -3.21
C VAL A 145 10.23 -25.80 -3.33
N PHE A 146 10.72 -25.03 -4.29
CA PHE A 146 10.25 -23.65 -4.46
C PHE A 146 9.21 -23.54 -5.55
N ASN A 147 9.17 -24.54 -6.44
CA ASN A 147 8.20 -24.60 -7.55
C ASN A 147 8.07 -26.06 -7.85
N PRO A 148 6.90 -26.64 -7.57
CA PRO A 148 6.86 -28.09 -7.72
C PRO A 148 6.42 -28.52 -9.11
N LEU A 149 6.23 -27.61 -10.03
CA LEU A 149 5.68 -27.95 -11.33
C LEU A 149 6.53 -29.01 -12.06
N ASP A 150 5.87 -30.09 -12.55
CA ASP A 150 6.52 -31.23 -13.34
C ASP A 150 7.35 -32.17 -12.48
N MET A 151 7.42 -31.93 -11.21
CA MET A 151 8.07 -32.90 -10.36
C MET A 151 7.12 -34.06 -10.13
N LYS A 152 7.63 -35.15 -9.58
CA LYS A 152 6.84 -36.33 -9.24
C LYS A 152 6.81 -36.50 -7.76
N ALA A 153 5.64 -36.80 -7.22
CA ALA A 153 5.53 -36.98 -5.79
C ALA A 153 4.34 -37.93 -5.56
N SER A 154 4.36 -38.67 -4.47
CA SER A 154 3.14 -39.35 -4.11
C SER A 154 2.27 -38.42 -3.31
N LYS A 155 2.86 -37.48 -2.55
CA LYS A 155 2.09 -36.57 -1.68
C LYS A 155 2.60 -35.13 -1.82
N ILE A 156 1.71 -34.13 -1.85
CA ILE A 156 2.14 -32.68 -1.91
C ILE A 156 1.37 -31.92 -0.82
N ALA A 157 2.10 -31.15 0.02
CA ALA A 157 1.42 -30.20 0.91
C ALA A 157 1.91 -28.79 0.62
N ILE A 158 0.97 -27.84 0.61
CA ILE A 158 1.36 -26.44 0.26
C ILE A 158 0.87 -25.58 1.38
N GLU A 159 1.78 -24.74 1.91
CA GLU A 159 1.37 -23.74 2.94
C GLU A 159 1.27 -22.42 2.22
N TYR A 160 0.08 -21.79 2.23
CA TYR A 160 -0.19 -20.52 1.52
C TYR A 160 -0.18 -19.42 2.57
N THR A 161 0.42 -18.27 2.24
CA THR A 161 0.25 -17.05 3.07
C THR A 161 -0.68 -16.16 2.28
N SER A 162 -1.74 -15.64 2.92
CA SER A 162 -2.69 -14.79 2.18
C SER A 162 -2.81 -13.49 2.92
N ILE A 163 -3.03 -12.43 2.14
CA ILE A 163 -3.42 -11.16 2.78
C ILE A 163 -4.87 -11.02 2.52
N VAL A 164 -5.65 -11.01 3.61
CA VAL A 164 -7.11 -11.15 3.39
C VAL A 164 -7.82 -9.98 4.06
N VAL A 165 -9.08 -9.79 3.68
CA VAL A 165 -9.99 -8.87 4.33
C VAL A 165 -11.26 -9.64 4.60
N PRO A 166 -12.13 -9.10 5.45
CA PRO A 166 -13.45 -9.73 5.60
C PRO A 166 -14.23 -9.78 4.31
N LEU A 167 -15.02 -10.86 4.15
CA LEU A 167 -15.74 -11.16 2.91
C LEU A 167 -16.63 -10.01 2.57
N LYS A 168 -17.28 -9.46 3.59
CA LYS A 168 -18.25 -8.38 3.37
C LYS A 168 -17.54 -7.08 2.89
N VAL A 169 -16.30 -6.83 3.35
CA VAL A 169 -15.49 -5.67 2.80
C VAL A 169 -15.21 -5.88 1.33
N TYR A 170 -14.76 -7.06 0.97
CA TYR A 170 -14.47 -7.39 -0.41
C TYR A 170 -15.71 -7.19 -1.22
N GLU A 171 -16.86 -7.72 -0.77
CA GLU A 171 -18.04 -7.65 -1.64
C GLU A 171 -18.51 -6.24 -2.00
N MET A 172 -18.59 -5.38 -0.98
CA MET A 172 -18.88 -3.97 -1.15
C MET A 172 -17.96 -3.30 -2.17
N PHE A 173 -16.64 -3.48 -2.05
CA PHE A 173 -15.77 -2.83 -3.05
C PHE A 173 -16.01 -3.44 -4.43
N TYR A 174 -16.08 -4.79 -4.50
CA TYR A 174 -16.22 -5.51 -5.80
C TYR A 174 -17.48 -5.02 -6.48
N ASN A 175 -18.58 -5.00 -5.74
CA ASN A 175 -19.86 -4.64 -6.36
C ASN A 175 -19.93 -3.19 -6.79
N PHE A 176 -19.56 -2.24 -5.92
CA PHE A 176 -19.47 -0.87 -6.43
C PHE A 176 -18.51 -0.64 -7.57
N LEU A 177 -17.37 -1.31 -7.53
CA LEU A 177 -16.38 -1.02 -8.58
C LEU A 177 -16.87 -1.60 -9.95
N GLN A 178 -17.48 -2.77 -9.88
CA GLN A 178 -17.91 -3.48 -11.10
C GLN A 178 -18.90 -2.56 -11.80
N ASP A 179 -19.90 -2.16 -11.02
CA ASP A 179 -20.80 -1.02 -11.26
C ASP A 179 -20.20 0.28 -11.92
N THR A 180 -18.93 0.58 -11.64
CA THR A 180 -18.37 1.86 -12.06
C THR A 180 -17.38 1.68 -13.18
N VAL A 181 -16.59 0.62 -13.04
CA VAL A 181 -15.53 0.33 -13.96
C VAL A 181 -16.26 -0.70 -14.85
N LYS A 182 -16.29 -0.50 -16.14
CA LYS A 182 -17.12 -1.47 -16.81
C LYS A 182 -16.26 -2.41 -17.57
N SER A 183 -15.27 -2.97 -16.88
CA SER A 183 -14.18 -3.75 -17.47
C SER A 183 -13.78 -4.76 -16.45
N PRO A 184 -13.07 -5.81 -16.91
CA PRO A 184 -12.55 -6.79 -16.01
C PRO A 184 -11.65 -6.08 -15.00
N PHE A 185 -11.73 -6.48 -13.74
CA PHE A 185 -10.83 -5.88 -12.70
C PHE A 185 -10.39 -6.86 -11.66
N GLN A 186 -9.30 -6.56 -10.96
CA GLN A 186 -8.82 -7.37 -9.86
C GLN A 186 -8.63 -6.33 -8.70
N LEU A 187 -9.05 -6.68 -7.50
CA LEU A 187 -8.88 -5.88 -6.25
C LEU A 187 -7.63 -6.30 -5.46
N LYS A 188 -6.92 -5.31 -4.89
CA LYS A 188 -5.65 -5.58 -4.20
C LYS A 188 -5.58 -4.74 -2.92
N SER A 189 -4.64 -5.10 -2.06
CA SER A 189 -4.30 -4.31 -0.88
C SER A 189 -3.38 -3.13 -1.28
N SER A 190 -3.75 -1.90 -0.95
CA SER A 190 -2.90 -0.74 -1.23
C SER A 190 -1.56 -0.88 -0.51
N LEU A 191 -1.60 -1.45 0.69
CA LEU A 191 -0.34 -1.57 1.42
C LEU A 191 0.56 -2.60 0.83
N VAL A 192 0.02 -3.78 0.41
CA VAL A 192 0.89 -4.72 -0.30
C VAL A 192 1.46 -4.13 -1.65
N SER A 193 0.61 -3.47 -2.42
CA SER A 193 1.05 -2.86 -3.67
C SER A 193 2.04 -1.72 -3.46
N THR A 194 1.85 -0.98 -2.38
CA THR A 194 2.92 0.06 -2.00
C THR A 194 4.26 -0.59 -1.81
N ALA A 195 4.34 -1.69 -1.02
CA ALA A 195 5.59 -2.38 -0.80
C ALA A 195 6.15 -2.92 -2.16
N GLU A 196 5.30 -3.53 -2.99
CA GLU A 196 5.75 -3.98 -4.31
C GLU A 196 6.24 -2.88 -5.27
N GLY A 197 5.63 -1.71 -5.16
CA GLY A 197 6.04 -0.54 -5.97
C GLY A 197 7.34 0.05 -5.47
N VAL A 198 7.75 -0.09 -4.18
CA VAL A 198 8.90 0.72 -3.77
C VAL A 198 10.18 -0.07 -3.38
N LEU A 199 10.03 -1.32 -2.96
CA LEU A 199 11.14 -2.07 -2.33
C LEU A 199 12.08 -2.65 -3.40
N THR A 200 13.35 -2.76 -3.07
CA THR A 200 14.22 -3.56 -4.01
C THR A 200 14.24 -5.03 -3.66
N THR A 201 14.69 -5.87 -4.60
CA THR A 201 14.64 -7.31 -4.30
C THR A 201 15.52 -7.72 -3.10
N PRO A 202 16.75 -7.13 -2.93
CA PRO A 202 17.58 -7.45 -1.77
C PRO A 202 16.90 -6.96 -0.45
N GLU A 203 16.19 -5.83 -0.48
CA GLU A 203 15.41 -5.45 0.74
C GLU A 203 14.34 -6.48 1.02
N LYS A 204 13.61 -6.90 0.03
CA LYS A 204 12.53 -7.84 0.29
C LYS A 204 13.02 -9.21 0.75
N ASP A 205 14.19 -9.58 0.26
CA ASP A 205 14.78 -10.82 0.69
C ASP A 205 15.42 -10.75 2.07
N ARG A 206 16.28 -9.75 2.34
CA ARG A 206 16.97 -9.79 3.60
C ARG A 206 16.15 -9.22 4.78
N GLY A 207 15.10 -8.43 4.48
CA GLY A 207 14.21 -7.92 5.57
C GLY A 207 14.11 -6.40 5.49
N VAL A 208 12.84 -5.94 5.62
CA VAL A 208 12.62 -4.46 5.54
C VAL A 208 11.23 -4.19 6.03
N VAL A 209 11.00 -2.95 6.51
CA VAL A 209 9.68 -2.51 6.99
C VAL A 209 9.20 -1.30 6.18
N VAL A 210 7.95 -1.37 5.69
CA VAL A 210 7.34 -0.19 4.98
C VAL A 210 6.38 0.41 5.98
N VAL A 211 6.53 1.73 6.19
CA VAL A 211 5.59 2.53 7.05
C VAL A 211 4.87 3.51 6.08
N ASN A 212 3.55 3.26 5.86
CA ASN A 212 2.75 4.03 4.96
C ASN A 212 2.00 5.14 5.77
N LEU A 213 2.46 6.38 5.61
CA LEU A 213 1.95 7.55 6.33
C LEU A 213 0.70 8.08 5.63
N GLY A 214 -0.38 7.27 5.73
CA GLY A 214 -1.64 7.64 5.09
C GLY A 214 -2.56 8.48 5.92
N TYR A 215 -3.71 8.73 5.36
CA TYR A 215 -4.62 9.72 5.93
C TYR A 215 -5.37 9.26 7.18
N ASN A 216 -6.12 8.15 7.08
CA ASN A 216 -6.88 7.69 8.25
C ASN A 216 -6.03 6.95 9.29
N PHE A 217 -4.96 6.30 8.85
CA PHE A 217 -4.16 5.57 9.79
C PHE A 217 -2.79 5.32 9.09
N THR A 218 -1.81 4.77 9.83
CA THR A 218 -0.51 4.50 9.28
C THR A 218 -0.49 2.94 9.08
N GLY A 219 -0.23 2.50 7.82
CA GLY A 219 -0.14 1.08 7.58
C GLY A 219 1.28 0.58 7.76
N LEU A 220 1.41 -0.69 8.17
CA LEU A 220 2.75 -1.18 8.50
C LEU A 220 2.82 -2.56 7.83
N ILE A 221 3.91 -2.83 7.08
CA ILE A 221 4.07 -4.12 6.44
C ILE A 221 5.56 -4.46 6.43
N ALA A 222 5.87 -5.78 6.61
CA ALA A 222 7.26 -6.16 6.69
C ALA A 222 7.45 -7.30 5.71
N TYR A 223 8.61 -7.30 5.04
CA TYR A 223 8.99 -8.34 4.05
C TYR A 223 10.19 -9.17 4.48
N LYS A 224 10.14 -10.51 4.20
CA LYS A 224 11.38 -11.30 4.37
C LYS A 224 11.28 -12.43 3.45
N ASN A 225 12.43 -12.82 2.88
CA ASN A 225 12.43 -13.93 1.88
C ASN A 225 11.53 -13.65 0.70
N GLY A 226 11.45 -12.35 0.30
CA GLY A 226 10.67 -11.92 -0.82
C GLY A 226 9.16 -11.76 -0.64
N VAL A 227 8.60 -11.97 0.55
CA VAL A 227 7.17 -11.98 0.76
C VAL A 227 6.76 -11.22 2.06
N PRO A 228 5.50 -10.77 2.10
CA PRO A 228 5.09 -10.10 3.39
C PRO A 228 5.08 -11.08 4.57
N ILE A 229 5.70 -10.68 5.65
CA ILE A 229 5.61 -11.61 6.82
C ILE A 229 4.75 -11.08 7.97
N LYS A 230 4.47 -9.78 7.97
CA LYS A 230 3.59 -9.26 9.02
C LYS A 230 2.85 -8.03 8.45
N ILE A 231 1.61 -7.76 8.86
CA ILE A 231 0.93 -6.58 8.30
C ILE A 231 0.10 -6.03 9.45
N SER A 232 0.14 -4.70 9.65
CA SER A 232 -0.65 -4.11 10.81
C SER A 232 -0.83 -2.65 10.58
N TYR A 233 -1.15 -1.92 11.64
CA TYR A 233 -1.49 -0.48 11.49
C TYR A 233 -1.36 0.19 12.84
N VAL A 234 -1.18 1.47 12.77
CA VAL A 234 -1.37 2.35 13.92
C VAL A 234 -2.53 3.26 13.62
N PRO A 235 -3.49 3.38 14.57
CA PRO A 235 -4.72 4.08 14.15
C PRO A 235 -4.60 5.59 14.28
N VAL A 236 -3.49 6.17 13.83
CA VAL A 236 -3.27 7.59 13.90
C VAL A 236 -2.62 7.86 12.49
N GLY A 237 -3.11 8.88 11.77
CA GLY A 237 -2.64 9.11 10.37
C GLY A 237 -2.55 10.65 10.19
N MET A 238 -2.39 11.02 8.93
CA MET A 238 -2.25 12.44 8.62
C MET A 238 -3.54 13.19 8.99
N LYS A 239 -4.72 12.52 8.92
CA LYS A 239 -5.93 13.17 9.36
C LYS A 239 -5.81 13.73 10.79
N HIS A 240 -5.14 13.04 11.73
CA HIS A 240 -5.05 13.55 13.10
C HIS A 240 -4.09 14.68 13.17
N VAL A 241 -3.12 14.68 12.25
CA VAL A 241 -2.15 15.82 12.27
C VAL A 241 -2.99 17.08 11.80
N ILE A 242 -3.78 16.91 10.75
CA ILE A 242 -4.65 17.99 10.21
C ILE A 242 -5.59 18.51 11.31
N LYS A 243 -6.17 17.57 12.06
CA LYS A 243 -7.14 17.92 13.11
C LYS A 243 -6.47 18.71 14.22
N ASP A 244 -5.25 18.34 14.62
CA ASP A 244 -4.44 19.06 15.61
C ASP A 244 -4.21 20.52 15.19
N VAL A 245 -3.86 20.71 13.92
CA VAL A 245 -3.64 22.08 13.48
C VAL A 245 -4.97 22.86 13.48
N SER A 246 -6.05 22.27 12.98
CA SER A 246 -7.35 22.90 12.88
C SER A 246 -7.83 23.31 14.31
N ALA A 247 -7.47 22.48 15.31
CA ALA A 247 -7.82 22.75 16.76
C ALA A 247 -6.99 23.90 17.35
N VAL A 248 -5.70 23.91 17.12
CA VAL A 248 -4.86 24.93 17.72
C VAL A 248 -5.12 26.26 17.01
N LEU A 249 -5.26 26.23 15.68
CA LEU A 249 -5.49 27.52 14.94
C LEU A 249 -6.92 28.05 14.79
N ASP A 250 -7.86 27.22 15.16
CA ASP A 250 -9.27 27.40 14.88
C ASP A 250 -9.52 27.64 13.41
N THR A 251 -9.09 26.74 12.54
CA THR A 251 -9.34 27.06 11.20
C THR A 251 -10.00 25.82 10.63
N SER A 252 -10.41 25.82 9.37
CA SER A 252 -11.12 24.72 8.71
C SER A 252 -10.11 23.54 8.52
N PHE A 253 -10.66 22.34 8.35
CA PHE A 253 -9.89 21.16 8.01
C PHE A 253 -9.09 21.49 6.72
N GLU A 254 -9.76 22.06 5.70
CA GLU A 254 -9.08 22.36 4.45
C GLU A 254 -7.96 23.33 4.56
N GLU A 255 -8.11 24.38 5.35
CA GLU A 255 -7.01 25.34 5.53
C GLU A 255 -5.87 24.68 6.32
N SER A 256 -6.20 23.89 7.35
CA SER A 256 -5.13 23.21 8.07
C SER A 256 -4.32 22.31 7.14
N GLU A 257 -5.00 21.55 6.27
CA GLU A 257 -4.19 20.68 5.35
C GLU A 257 -3.40 21.53 4.41
N ARG A 258 -4.01 22.58 3.85
CA ARG A 258 -3.20 23.48 3.01
C ARG A 258 -1.93 23.97 3.72
N LEU A 259 -2.09 24.43 4.95
CA LEU A 259 -0.92 24.91 5.74
C LEU A 259 0.17 23.82 5.87
N ILE A 260 -0.27 22.61 6.21
CA ILE A 260 0.69 21.53 6.41
C ILE A 260 1.47 21.23 5.11
N ILE A 261 0.75 21.16 4.01
CA ILE A 261 1.35 20.79 2.69
C ILE A 261 2.25 21.95 2.26
N THR A 262 1.80 23.17 2.54
CA THR A 262 2.59 24.37 2.08
C THR A 262 3.83 24.72 2.88
N HIS A 263 3.73 24.58 4.19
CA HIS A 263 4.70 25.10 5.13
C HIS A 263 5.15 24.11 6.15
N GLY A 264 4.59 22.90 6.18
CA GLY A 264 4.86 22.03 7.36
C GLY A 264 6.34 21.54 7.33
N ASN A 265 6.98 21.34 8.50
CA ASN A 265 8.31 20.63 8.50
C ASN A 265 8.28 19.63 9.66
N ALA A 266 8.88 18.48 9.52
CA ALA A 266 8.91 17.54 10.61
C ALA A 266 9.95 17.90 11.73
N VAL A 267 10.93 18.76 11.45
CA VAL A 267 11.91 19.21 12.43
C VAL A 267 11.73 20.74 12.67
N TYR A 268 11.43 21.14 13.91
CA TYR A 268 11.18 22.57 14.16
C TYR A 268 12.32 23.36 14.86
N ASN A 269 13.23 22.64 15.47
CA ASN A 269 14.11 23.28 16.48
C ASN A 269 15.12 24.28 15.91
N ASP A 270 15.28 24.28 14.60
CA ASP A 270 16.22 25.16 13.92
C ASP A 270 15.51 26.11 13.01
N LEU A 271 14.19 26.23 13.15
CA LEU A 271 13.44 27.08 12.22
C LEU A 271 13.40 28.56 12.63
N LYS A 272 13.39 29.39 11.60
CA LYS A 272 13.13 30.82 11.79
C LYS A 272 11.64 31.09 11.99
N GLU A 273 11.33 32.21 12.63
CA GLU A 273 9.95 32.65 12.87
C GLU A 273 9.28 33.36 11.63
N GLU A 274 9.40 32.76 10.43
CA GLU A 274 8.67 33.15 9.20
C GLU A 274 7.17 33.17 9.47
N GLU A 275 6.54 34.32 9.24
CA GLU A 275 5.10 34.47 9.37
C GLU A 275 4.39 33.89 8.15
N ILE A 276 3.23 33.24 8.39
CA ILE A 276 2.46 32.60 7.30
C ILE A 276 0.98 32.99 7.59
N GLN A 277 0.14 32.96 6.59
CA GLN A 277 -1.19 33.52 6.81
C GLN A 277 -2.23 32.53 6.48
N TYR A 278 -3.39 32.64 7.15
CA TYR A 278 -4.43 31.67 6.82
C TYR A 278 -5.75 32.31 7.14
N ARG A 279 -6.82 31.69 6.68
CA ARG A 279 -8.21 32.23 6.94
C ARG A 279 -8.85 31.54 8.12
N GLY A 280 -9.66 32.27 8.87
CA GLY A 280 -10.31 31.66 10.07
C GLY A 280 -11.51 30.93 9.53
N LEU A 281 -12.38 30.41 10.39
CA LEU A 281 -13.47 29.60 9.88
C LEU A 281 -14.52 30.33 9.08
N ASP A 282 -14.53 31.64 9.26
CA ASP A 282 -15.49 32.49 8.54
C ASP A 282 -15.02 32.69 7.09
N GLY A 283 -13.84 32.15 6.79
CA GLY A 283 -13.38 32.08 5.32
C GLY A 283 -12.88 33.40 4.80
N ASN A 284 -12.75 34.35 5.71
CA ASN A 284 -12.65 35.75 5.36
C ASN A 284 -11.63 36.42 6.22
N THR A 285 -11.72 36.26 7.51
CA THR A 285 -10.71 36.90 8.34
C THR A 285 -9.32 36.31 8.11
N ILE A 286 -8.32 37.16 7.92
CA ILE A 286 -6.93 36.72 7.81
C ILE A 286 -6.26 36.62 9.17
N LYS A 287 -5.74 35.42 9.51
CA LYS A 287 -4.94 35.24 10.71
C LYS A 287 -3.43 34.96 10.35
N THR A 288 -2.57 35.05 11.35
CA THR A 288 -1.11 35.00 11.13
C THR A 288 -0.57 33.99 12.16
N THR A 289 0.37 33.12 11.75
CA THR A 289 1.13 32.33 12.75
C THR A 289 2.56 32.25 12.21
N THR A 290 3.36 31.33 12.71
CA THR A 290 4.65 31.11 12.09
C THR A 290 4.82 29.65 11.59
N ALA A 291 5.75 29.45 10.66
CA ALA A 291 6.11 28.11 10.21
C ALA A 291 6.68 27.28 11.39
N LYS A 292 7.42 27.93 12.30
CA LYS A 292 7.89 27.23 13.47
C LYS A 292 6.75 26.71 14.32
N LYS A 293 5.83 27.59 14.68
CA LYS A 293 4.67 27.19 15.44
C LYS A 293 3.86 26.05 14.76
N LEU A 294 3.68 26.12 13.45
CA LEU A 294 2.90 25.08 12.76
C LEU A 294 3.71 23.79 12.91
N SER A 295 5.05 23.85 12.73
CA SER A 295 5.87 22.63 12.86
C SER A 295 5.94 22.00 14.25
N VAL A 296 5.88 22.85 15.29
CA VAL A 296 5.65 22.31 16.67
C VAL A 296 4.41 21.39 16.84
N ILE A 297 3.25 21.80 16.37
CA ILE A 297 2.03 20.87 16.32
C ILE A 297 2.17 19.54 15.57
N ILE A 298 2.66 19.69 14.38
CA ILE A 298 2.90 18.58 13.44
C ILE A 298 3.80 17.54 14.17
N HIS A 299 4.73 18.08 14.97
CA HIS A 299 5.84 17.28 15.47
C HIS A 299 5.36 16.25 16.38
N ALA A 300 4.57 16.66 17.36
CA ALA A 300 4.17 15.78 18.39
C ALA A 300 3.38 14.59 17.82
N ARG A 301 2.52 14.88 16.84
CA ARG A 301 1.69 13.83 16.33
C ARG A 301 2.58 12.91 15.41
N LEU A 302 3.49 13.47 14.66
CA LEU A 302 4.35 12.60 13.84
C LEU A 302 5.29 11.73 14.75
N ARG A 303 5.74 12.29 15.87
CA ARG A 303 6.56 11.45 16.82
C ARG A 303 5.74 10.36 17.39
N GLU A 304 4.50 10.68 17.73
CA GLU A 304 3.57 9.64 18.10
C GLU A 304 3.35 8.49 17.13
N ILE A 305 3.13 8.82 15.85
CA ILE A 305 2.96 7.79 14.82
C ILE A 305 4.25 6.98 14.66
N MET A 306 5.43 7.63 14.69
CA MET A 306 6.67 6.88 14.46
C MET A 306 6.96 6.06 15.69
N SER A 307 6.61 6.59 16.89
CA SER A 307 6.84 5.75 18.10
C SER A 307 5.98 4.54 18.21
N LYS A 308 4.72 4.65 17.86
CA LYS A 308 3.85 3.45 17.84
C LYS A 308 4.26 2.50 16.74
N SER A 309 4.82 3.01 15.63
CA SER A 309 5.27 2.10 14.50
C SER A 309 6.55 1.36 14.95
N LYS A 310 7.27 1.93 15.90
CA LYS A 310 8.51 1.27 16.40
C LYS A 310 8.21 -0.02 17.17
N LYS A 311 7.03 -0.16 17.76
CA LYS A 311 6.62 -1.43 18.37
C LYS A 311 6.57 -2.53 17.29
N PHE A 312 6.00 -2.20 16.11
CA PHE A 312 5.90 -3.16 15.04
C PHE A 312 7.30 -3.47 14.58
N PHE A 313 8.15 -2.46 14.47
CA PHE A 313 9.52 -2.65 13.94
C PHE A 313 10.29 -3.66 14.85
N ARG A 314 10.13 -3.49 16.16
CA ARG A 314 10.80 -4.41 17.11
C ARG A 314 10.23 -5.81 17.07
N GLU A 315 8.94 -5.94 16.86
CA GLU A 315 8.30 -7.28 16.65
C GLU A 315 8.88 -7.96 15.44
N VAL A 316 9.05 -7.18 14.37
CA VAL A 316 9.62 -7.79 13.14
C VAL A 316 11.03 -8.17 13.30
N GLU A 317 11.80 -7.28 13.95
CA GLU A 317 13.20 -7.44 14.18
C GLU A 317 13.39 -8.83 14.95
N ALA A 318 12.48 -9.10 15.87
CA ALA A 318 12.55 -10.43 16.59
C ALA A 318 12.30 -11.62 15.61
N LYS A 319 11.29 -11.53 14.76
CA LYS A 319 11.00 -12.59 13.78
C LYS A 319 12.13 -12.77 12.80
N ILE A 320 12.79 -11.69 12.45
CA ILE A 320 13.89 -11.72 11.40
C ILE A 320 15.20 -12.25 11.95
N VAL A 321 15.52 -11.86 13.18
CA VAL A 321 16.69 -12.34 13.93
C VAL A 321 16.62 -13.87 14.13
N GLU A 322 15.43 -14.39 14.34
CA GLU A 322 15.24 -15.86 14.26
C GLU A 322 15.66 -16.57 13.01
N GLU A 323 15.68 -15.87 11.87
CA GLU A 323 16.27 -16.44 10.67
C GLU A 323 17.73 -16.13 10.48
N GLY A 324 18.37 -15.56 11.48
CA GLY A 324 19.82 -15.43 11.42
C GLY A 324 20.24 -14.08 10.92
N GLU A 325 19.28 -13.15 10.74
CA GLU A 325 19.69 -11.77 10.40
C GLU A 325 20.16 -10.91 11.55
N ILE A 326 21.01 -9.93 11.26
CA ILE A 326 21.31 -9.00 12.35
C ILE A 326 20.44 -7.75 12.13
N GLY A 327 19.46 -7.55 13.03
CA GLY A 327 18.61 -6.37 12.91
C GLY A 327 17.67 -6.55 11.74
N ILE A 328 17.15 -5.45 11.19
CA ILE A 328 16.32 -5.56 9.97
C ILE A 328 17.27 -4.87 8.91
N PRO A 329 17.85 -5.66 8.05
CA PRO A 329 18.97 -5.08 7.26
C PRO A 329 18.52 -3.88 6.36
N GLY A 330 17.33 -3.98 5.85
CA GLY A 330 16.74 -2.92 4.91
C GLY A 330 16.27 -1.64 5.61
N GLY A 331 16.22 -1.65 6.93
CA GLY A 331 15.64 -0.53 7.70
C GLY A 331 14.18 -0.26 7.36
N VAL A 332 13.86 1.04 7.34
CA VAL A 332 12.49 1.51 7.20
C VAL A 332 12.38 2.30 5.90
N VAL A 333 11.31 2.03 5.16
CA VAL A 333 11.04 2.82 3.92
C VAL A 333 9.70 3.55 4.21
N LEU A 334 9.68 4.86 4.03
CA LEU A 334 8.45 5.64 4.35
C LEU A 334 7.71 5.93 3.05
N THR A 335 6.39 5.73 3.04
CA THR A 335 5.59 5.94 1.84
C THR A 335 4.34 6.69 2.18
N GLY A 336 3.51 6.90 1.14
CA GLY A 336 2.25 7.65 1.35
C GLY A 336 2.46 9.17 1.48
N GLY A 337 1.34 9.85 1.71
CA GLY A 337 1.37 11.34 1.74
C GLY A 337 2.24 11.91 2.76
N GLY A 338 2.24 11.32 3.97
CA GLY A 338 3.12 11.91 4.99
C GLY A 338 4.63 11.80 4.74
N ALA A 339 5.04 10.91 3.84
CA ALA A 339 6.40 10.72 3.44
C ALA A 339 6.90 11.99 2.68
N LYS A 340 6.00 12.85 2.26
CA LYS A 340 6.40 14.09 1.59
C LYS A 340 6.64 15.27 2.51
N ILE A 341 6.41 15.10 3.80
CA ILE A 341 6.67 16.21 4.77
C ILE A 341 8.20 16.40 4.81
N PRO A 342 8.68 17.65 4.62
CA PRO A 342 10.14 17.88 4.63
C PRO A 342 10.78 17.47 5.95
N ARG A 343 11.87 16.73 5.78
CA ARG A 343 12.73 16.28 6.94
C ARG A 343 12.06 15.20 7.74
N ILE A 344 10.97 14.58 7.20
CA ILE A 344 10.39 13.42 7.91
C ILE A 344 11.42 12.24 8.12
N ASN A 345 12.30 12.04 7.12
CA ASN A 345 13.27 10.94 7.30
C ASN A 345 14.21 11.19 8.53
N GLU A 346 14.50 12.48 8.77
CA GLU A 346 15.35 12.85 9.92
C GLU A 346 14.68 12.55 11.20
N LEU A 347 13.41 12.91 11.30
CA LEU A 347 12.65 12.55 12.47
C LEU A 347 12.53 11.02 12.64
N ALA A 348 12.20 10.28 11.56
CA ALA A 348 11.99 8.84 11.69
C ALA A 348 13.39 8.19 12.16
N THR A 349 14.49 8.73 11.66
CA THR A 349 15.83 8.11 11.98
C THR A 349 16.13 8.29 13.51
N GLU A 350 15.74 9.39 14.06
CA GLU A 350 15.88 9.64 15.52
C GLU A 350 15.01 8.66 16.31
N VAL A 351 13.81 8.47 15.83
CA VAL A 351 12.96 7.49 16.47
C VAL A 351 13.38 6.01 16.33
N PHE A 352 13.46 5.50 15.09
CA PHE A 352 13.78 4.13 14.77
C PHE A 352 15.26 3.76 15.03
N LYS A 353 16.20 4.72 15.06
CA LYS A 353 17.65 4.39 15.11
C LYS A 353 18.09 3.38 14.07
N SER A 354 17.62 3.60 12.84
CA SER A 354 17.79 2.63 11.80
C SER A 354 17.91 3.50 10.49
N PRO A 355 18.38 2.93 9.39
CA PRO A 355 18.39 3.64 8.08
C PRO A 355 16.91 3.84 7.72
N VAL A 356 16.64 4.98 7.08
CA VAL A 356 15.27 5.35 6.74
C VAL A 356 15.42 5.95 5.34
N ARG A 357 14.57 5.51 4.40
CA ARG A 357 14.58 6.22 3.12
C ARG A 357 13.14 6.46 2.68
N THR A 358 12.98 7.30 1.63
CA THR A 358 11.63 7.56 1.08
C THR A 358 11.35 6.56 0.00
N GLY A 359 10.13 6.01 -0.02
CA GLY A 359 9.81 4.98 -1.06
C GLY A 359 9.08 5.63 -2.22
N CYS A 360 9.48 5.31 -3.44
CA CYS A 360 8.75 5.74 -4.62
C CYS A 360 9.13 4.76 -5.73
N TYR A 361 8.32 4.68 -6.76
CA TYR A 361 8.60 3.71 -7.83
C TYR A 361 10.02 3.93 -8.39
N ALA A 362 10.41 5.18 -8.53
CA ALA A 362 11.74 5.49 -9.11
C ALA A 362 12.91 4.85 -8.39
N ASN A 363 12.79 4.69 -7.05
CA ASN A 363 13.90 4.12 -6.25
C ASN A 363 13.72 2.62 -5.93
N SER A 364 12.73 1.97 -6.54
CA SER A 364 12.65 0.52 -6.43
C SER A 364 13.61 -0.02 -7.48
N ASP A 365 13.62 -1.35 -7.66
CA ASP A 365 14.47 -1.87 -8.71
C ASP A 365 13.54 -2.42 -9.79
N ARG A 366 12.30 -1.93 -9.86
CA ARG A 366 11.28 -2.40 -10.87
C ARG A 366 11.67 -1.76 -12.25
N PRO A 367 11.16 -2.30 -13.39
CA PRO A 367 11.56 -1.74 -14.72
C PRO A 367 11.24 -0.19 -14.90
N SER A 368 12.17 0.57 -15.53
CA SER A 368 11.91 1.94 -15.99
C SER A 368 10.65 1.97 -16.86
N ILE A 369 9.81 2.97 -16.67
CA ILE A 369 8.56 3.07 -17.40
C ILE A 369 8.69 4.39 -18.11
N ILE A 370 8.58 4.34 -19.45
CA ILE A 370 8.71 5.52 -20.24
C ILE A 370 7.68 6.60 -19.87
N ASN A 371 8.14 7.88 -19.71
CA ASN A 371 7.34 9.05 -19.47
C ASN A 371 6.60 8.95 -18.10
N ALA A 372 7.11 8.13 -17.18
CA ALA A 372 6.43 7.95 -15.87
C ALA A 372 7.02 8.87 -14.81
N ASP A 373 8.07 9.69 -15.15
CA ASP A 373 8.88 10.35 -14.11
C ASP A 373 8.14 11.15 -13.03
N GLU A 374 7.19 12.01 -13.40
CA GLU A 374 6.47 12.87 -12.47
C GLU A 374 5.77 12.08 -11.33
N VAL A 375 5.27 10.87 -11.65
CA VAL A 375 4.62 10.13 -10.60
C VAL A 375 5.52 8.99 -10.13
N ALA A 376 6.51 8.55 -10.90
CA ALA A 376 7.50 7.55 -10.40
C ALA A 376 8.27 8.11 -9.23
N ASN A 377 8.38 9.44 -9.18
CA ASN A 377 9.11 10.07 -8.06
C ASN A 377 8.24 10.45 -6.86
N ASP A 378 6.94 10.06 -6.89
CA ASP A 378 6.01 10.61 -5.91
C ASP A 378 5.67 9.41 -4.97
N PRO A 379 6.00 9.50 -3.66
CA PRO A 379 5.59 8.41 -2.79
C PRO A 379 4.12 8.14 -2.72
N SER A 380 3.25 9.10 -2.96
CA SER A 380 1.85 8.76 -2.88
C SER A 380 1.31 7.98 -4.13
N PHE A 381 2.13 7.82 -5.16
CA PHE A 381 1.79 6.96 -6.32
C PHE A 381 2.30 5.55 -6.27
N ALA A 382 2.94 5.16 -5.16
CA ALA A 382 3.63 3.84 -5.11
C ALA A 382 2.66 2.70 -5.38
N ALA A 383 1.57 2.70 -4.72
CA ALA A 383 0.60 1.57 -4.89
C ALA A 383 0.07 1.54 -6.29
N ALA A 384 -0.17 2.72 -6.87
CA ALA A 384 -0.63 2.73 -8.28
C ALA A 384 0.32 1.94 -9.18
N PHE A 385 1.65 2.09 -9.02
CA PHE A 385 2.58 1.27 -9.78
C PHE A 385 2.58 -0.19 -9.33
N GLY A 386 2.69 -0.38 -8.00
CA GLY A 386 2.81 -1.71 -7.45
C GLY A 386 1.65 -2.58 -7.85
N ASN A 387 0.47 -2.02 -8.12
CA ASN A 387 -0.69 -2.81 -8.54
C ASN A 387 -0.43 -3.66 -9.77
N VAL A 388 0.45 -3.23 -10.64
CA VAL A 388 0.64 -4.05 -11.86
C VAL A 388 1.68 -5.14 -11.70
N PHE A 389 2.31 -5.24 -10.53
CA PHE A 389 3.22 -6.34 -10.23
C PHE A 389 2.63 -7.27 -9.15
N ALA A 390 3.12 -8.50 -9.06
CA ALA A 390 2.59 -9.47 -8.05
C ALA A 390 3.68 -9.82 -7.03
N VAL A 391 3.29 -10.29 -5.83
CA VAL A 391 4.23 -10.83 -4.84
C VAL A 391 5.08 -11.98 -5.44
N SER A 392 6.37 -12.05 -5.10
CA SER A 392 7.30 -13.10 -5.59
C SER A 392 6.57 -14.40 -5.99
PG AGS B . -5.20 5.94 2.79
S1G AGS B . -5.36 5.60 4.91
O2G AGS B . -6.68 5.56 2.62
O3G AGS B . -4.18 5.13 2.05
PB AGS B . -4.54 8.37 0.98
O1B AGS B . -3.73 7.71 -0.08
O2B AGS B . -5.70 9.05 0.44
O3B AGS B . -4.81 7.54 2.35
PA AGS B . -2.20 10.04 1.19
O1A AGS B . -1.30 8.86 1.74
O2A AGS B . -2.05 10.39 -0.27
O3A AGS B . -3.70 9.65 1.53
O5' AGS B . -2.05 11.14 2.43
C5' AGS B . -2.82 12.30 2.42
C4' AGS B . -2.30 13.20 3.52
O4' AGS B . -0.89 13.36 3.30
C3' AGS B . -2.82 14.58 3.12
O3' AGS B . -3.97 14.87 3.88
C2' AGS B . -1.76 15.58 3.63
O2' AGS B . -1.91 15.79 5.06
C1' AGS B . -0.48 14.79 3.46
N9 AGS B . 0.22 15.31 2.21
C8 AGS B . -0.01 15.13 0.87
N7 AGS B . 0.99 15.79 0.19
C5 AGS B . 1.84 16.33 1.14
C6 AGS B . 2.96 17.14 1.10
N6 AGS B . 3.55 17.50 -0.05
N1 AGS B . 3.52 17.51 2.21
C2 AGS B . 2.96 17.14 3.33
N3 AGS B . 1.85 16.39 3.48
C4 AGS B . 1.30 16.03 2.36
MG MG C . -3.02 5.43 0.25
#